data_9LYG
#
_entry.id   9LYG
#
_cell.length_a   31.577
_cell.length_b   48.039
_cell.length_c   65.306
_cell.angle_alpha   90.00
_cell.angle_beta   90.00
_cell.angle_gamma   90.00
#
_symmetry.space_group_name_H-M   'P 21 21 21'
#
loop_
_entity.id
_entity.type
_entity.pdbx_description
1 polymer 'Peptidyl-prolyl cis-trans isomerase FKBP1A'
2 non-polymer 5-[(2~{S})-1-cyclohexylsulfonylpiperidin-2-yl]-3-[3-(3,4-dimethoxyphenyl)propyl]-1,2,4-oxadiazole
3 non-polymer GLYCEROL
4 water water
#
_entity_poly.entity_id   1
_entity_poly.type   'polypeptide(L)'
_entity_poly.pdbx_seq_one_letter_code
;GSHMGVQVETISPGDGRTFPKRGQTCVVHYTGMLEDGKKFDSSRDRNKPFKFMLGKQEVIRGWEEGVAQMSVGQRAKLTI
SPDYAYGATGHPGIIPPHATLVFDVELLKLE
;
_entity_poly.pdbx_strand_id   A
#
# COMPACT_ATOMS: atom_id res chain seq x y z
N GLY A 5 1.19 13.31 -2.48
N GLY A 5 -0.17 13.36 -2.83
CA GLY A 5 0.46 12.33 -1.65
CA GLY A 5 0.60 12.42 -1.94
C GLY A 5 0.45 10.95 -2.26
C GLY A 5 0.48 10.96 -2.38
N VAL A 6 -0.73 10.49 -2.63
CA VAL A 6 -0.93 9.10 -3.12
C VAL A 6 -1.94 9.22 -4.25
N GLN A 7 -1.60 8.56 -5.34
N GLN A 7 -1.59 8.60 -5.37
CA GLN A 7 -2.48 8.34 -6.49
CA GLN A 7 -2.53 8.39 -6.50
C GLN A 7 -2.87 6.87 -6.51
C GLN A 7 -2.85 6.90 -6.57
N VAL A 8 -4.11 6.60 -6.81
CA VAL A 8 -4.63 5.21 -6.88
C VAL A 8 -5.18 5.00 -8.29
N GLU A 9 -4.71 3.96 -8.96
N GLU A 9 -4.57 4.07 -9.04
CA GLU A 9 -5.20 3.57 -10.29
CA GLU A 9 -5.04 3.56 -10.36
C GLU A 9 -5.57 2.10 -10.27
C GLU A 9 -5.63 2.18 -10.10
N THR A 10 -6.79 1.85 -10.67
CA THR A 10 -7.37 0.51 -10.54
C THR A 10 -6.82 -0.40 -11.63
N ILE A 11 -6.34 -1.56 -11.23
CA ILE A 11 -5.93 -2.66 -12.15
C ILE A 11 -7.08 -3.64 -12.33
N SER A 12 -7.77 -3.97 -11.26
CA SER A 12 -9.01 -4.78 -11.36
C SER A 12 -9.93 -4.34 -10.24
N PRO A 13 -11.22 -4.19 -10.49
N PRO A 13 -11.23 -4.14 -10.55
CA PRO A 13 -12.10 -3.59 -9.51
CA PRO A 13 -12.17 -3.57 -9.60
C PRO A 13 -12.41 -4.51 -8.34
C PRO A 13 -12.54 -4.47 -8.41
N GLY A 14 -12.72 -3.86 -7.22
CA GLY A 14 -13.29 -4.53 -6.05
C GLY A 14 -14.80 -4.41 -6.05
N ASP A 15 -15.40 -4.84 -4.94
CA ASP A 15 -16.88 -4.88 -4.90
C ASP A 15 -17.50 -3.49 -4.77
N GLY A 16 -16.73 -2.45 -4.50
CA GLY A 16 -17.33 -1.11 -4.37
C GLY A 16 -18.24 -0.92 -3.20
N ARG A 17 -18.20 -1.81 -2.21
N ARG A 17 -18.21 -1.86 -2.26
CA ARG A 17 -19.16 -1.80 -1.07
CA ARG A 17 -19.15 -1.93 -1.09
C ARG A 17 -18.47 -2.11 0.25
C ARG A 17 -18.39 -2.02 0.22
N THR A 18 -17.40 -2.89 0.25
CA THR A 18 -16.71 -3.33 1.48
C THR A 18 -15.39 -2.56 1.57
N PHE A 19 -15.39 -1.47 2.31
CA PHE A 19 -14.22 -0.57 2.46
C PHE A 19 -13.70 -0.64 3.88
N PRO A 20 -12.38 -0.55 4.06
CA PRO A 20 -11.77 -0.65 5.37
C PRO A 20 -12.20 0.48 6.30
N LYS A 21 -12.56 0.12 7.51
N LYS A 21 -12.59 0.13 7.52
CA LYS A 21 -12.89 1.09 8.58
CA LYS A 21 -12.95 1.09 8.59
C LYS A 21 -11.71 1.23 9.53
C LYS A 21 -11.77 1.23 9.54
N ARG A 22 -11.63 2.40 10.18
CA ARG A 22 -10.65 2.65 11.26
C ARG A 22 -10.71 1.44 12.20
N GLY A 23 -9.56 0.87 12.54
CA GLY A 23 -9.48 -0.20 13.54
C GLY A 23 -9.71 -1.60 12.97
N GLN A 24 -10.01 -1.72 11.68
CA GLN A 24 -10.08 -3.05 11.00
C GLN A 24 -8.69 -3.47 10.50
N THR A 25 -8.48 -4.78 10.40
CA THR A 25 -7.24 -5.37 9.85
C THR A 25 -7.44 -5.60 8.35
N CYS A 26 -6.60 -4.94 7.55
CA CYS A 26 -6.53 -5.10 6.10
C CYS A 26 -5.53 -6.19 5.80
N VAL A 27 -5.98 -7.12 4.98
CA VAL A 27 -5.13 -8.23 4.48
C VAL A 27 -4.86 -7.96 3.02
N VAL A 28 -3.58 -7.85 2.69
N VAL A 28 -3.58 -7.75 2.68
CA VAL A 28 -3.25 -7.54 1.29
CA VAL A 28 -3.12 -7.17 1.37
C VAL A 28 -2.16 -8.45 0.80
C VAL A 28 -1.99 -8.02 0.80
N HIS A 29 -1.99 -8.35 -0.50
CA HIS A 29 -0.75 -8.76 -1.20
C HIS A 29 -0.19 -7.52 -1.88
N TYR A 30 1.14 -7.38 -1.87
CA TYR A 30 1.73 -6.23 -2.55
C TYR A 30 3.05 -6.64 -3.18
N THR A 31 3.44 -5.80 -4.14
CA THR A 31 4.82 -5.70 -4.66
C THR A 31 5.14 -4.21 -4.70
N GLY A 32 6.28 -3.86 -4.14
CA GLY A 32 6.77 -2.47 -4.14
C GLY A 32 7.93 -2.31 -5.12
N MET A 33 7.85 -1.25 -5.91
CA MET A 33 8.86 -0.91 -6.91
C MET A 33 9.26 0.55 -6.80
N LEU A 34 10.53 0.81 -7.12
CA LEU A 34 10.96 2.19 -7.38
C LEU A 34 10.38 2.63 -8.73
N GLU A 35 10.50 3.91 -9.04
CA GLU A 35 9.87 4.44 -10.28
C GLU A 35 10.41 3.78 -11.53
N ASP A 36 11.66 3.36 -11.53
CA ASP A 36 12.25 2.70 -12.72
C ASP A 36 11.86 1.22 -12.81
N GLY A 37 10.98 0.72 -11.93
CA GLY A 37 10.49 -0.68 -11.95
C GLY A 37 11.30 -1.63 -11.11
N LYS A 38 12.40 -1.20 -10.52
N LYS A 38 12.37 -1.18 -10.49
CA LYS A 38 13.20 -2.10 -9.65
CA LYS A 38 13.17 -2.09 -9.62
C LYS A 38 12.36 -2.50 -8.43
C LYS A 38 12.34 -2.49 -8.42
N LYS A 39 12.28 -3.80 -8.18
CA LYS A 39 11.48 -4.34 -7.06
C LYS A 39 12.25 -4.21 -5.76
N PHE A 40 11.65 -3.61 -4.74
CA PHE A 40 12.31 -3.51 -3.42
C PHE A 40 11.66 -4.45 -2.39
N ASP A 41 10.45 -4.94 -2.60
CA ASP A 41 9.84 -5.91 -1.65
C ASP A 41 8.60 -6.48 -2.30
N SER A 42 8.20 -7.66 -1.83
CA SER A 42 6.93 -8.30 -2.27
C SER A 42 6.47 -9.32 -1.26
N SER A 43 5.23 -9.18 -0.79
CA SER A 43 4.60 -10.22 0.03
C SER A 43 4.32 -11.45 -0.80
N ARG A 44 4.05 -11.28 -2.09
CA ARG A 44 3.73 -12.40 -2.98
C ARG A 44 4.94 -13.36 -3.05
N ASP A 45 6.15 -12.80 -3.02
CA ASP A 45 7.40 -13.58 -3.07
C ASP A 45 7.52 -14.48 -1.84
N ARG A 46 6.87 -14.13 -0.75
CA ARG A 46 6.92 -14.93 0.48
C ARG A 46 5.65 -15.75 0.62
N ASN A 47 4.75 -15.75 -0.34
CA ASN A 47 3.54 -16.59 -0.31
C ASN A 47 2.70 -16.31 0.93
N LYS A 48 2.68 -15.08 1.41
N LYS A 48 2.71 -15.09 1.43
CA LYS A 48 2.06 -14.77 2.72
CA LYS A 48 2.10 -14.81 2.73
C LYS A 48 1.59 -13.32 2.67
C LYS A 48 1.69 -13.35 2.70
N PRO A 49 0.29 -13.05 2.71
N PRO A 49 0.40 -13.05 2.91
CA PRO A 49 -0.20 -11.68 2.75
CA PRO A 49 -0.07 -11.68 2.70
C PRO A 49 0.37 -10.86 3.91
C PRO A 49 0.32 -10.86 3.91
N PHE A 50 0.36 -9.55 3.72
CA PHE A 50 0.67 -8.55 4.75
C PHE A 50 -0.64 -8.13 5.43
N LYS A 51 -0.56 -7.90 6.73
CA LYS A 51 -1.71 -7.42 7.50
C LYS A 51 -1.34 -6.13 8.24
N PHE A 52 -2.28 -5.21 8.30
CA PHE A 52 -2.09 -4.01 9.15
C PHE A 52 -3.47 -3.50 9.55
N MET A 53 -3.48 -2.68 10.59
N MET A 53 -3.50 -2.73 10.64
CA MET A 53 -4.69 -2.03 11.11
CA MET A 53 -4.71 -2.02 11.11
C MET A 53 -4.65 -0.54 10.82
C MET A 53 -4.62 -0.54 10.71
N LEU A 54 -5.73 0.03 10.23
CA LEU A 54 -5.85 1.50 10.01
C LEU A 54 -5.86 2.24 11.34
N GLY A 55 -5.27 3.43 11.35
CA GLY A 55 -5.32 4.41 12.44
C GLY A 55 -4.30 4.15 13.54
N LYS A 56 -3.30 3.32 13.27
N LYS A 56 -3.33 3.28 13.29
CA LYS A 56 -2.30 2.91 14.30
CA LYS A 56 -2.40 2.76 14.33
C LYS A 56 -0.87 3.16 13.82
C LYS A 56 -0.95 3.08 13.99
N GLN A 57 -0.66 4.04 12.85
N GLN A 57 -0.78 3.86 12.93
CA GLN A 57 0.71 4.38 12.39
CA GLN A 57 0.56 4.32 12.46
C GLN A 57 1.45 3.07 12.07
C GLN A 57 1.40 3.09 12.13
N GLU A 58 0.80 2.11 11.45
CA GLU A 58 1.45 0.81 11.15
C GLU A 58 2.12 0.77 9.77
N VAL A 59 1.75 1.70 8.92
CA VAL A 59 2.21 1.74 7.52
C VAL A 59 2.52 3.16 7.13
N ILE A 60 3.39 3.30 6.12
CA ILE A 60 3.65 4.65 5.56
C ILE A 60 2.34 5.31 5.15
N ARG A 61 2.33 6.63 5.20
CA ARG A 61 1.06 7.37 5.08
C ARG A 61 0.34 7.10 3.77
N GLY A 62 1.07 6.99 2.67
CA GLY A 62 0.46 6.73 1.36
C GLY A 62 -0.29 5.42 1.33
N TRP A 63 0.16 4.43 2.08
CA TRP A 63 -0.65 3.18 2.29
C TRP A 63 -1.90 3.43 3.12
N GLU A 64 -1.75 4.15 4.23
N GLU A 64 -1.76 4.15 4.20
CA GLU A 64 -2.87 4.55 5.12
CA GLU A 64 -2.92 4.43 5.06
C GLU A 64 -4.01 5.09 4.26
C GLU A 64 -4.03 5.05 4.20
N GLU A 65 -3.69 6.10 3.44
CA GLU A 65 -4.70 6.81 2.64
C GLU A 65 -5.07 6.01 1.38
N GLY A 66 -4.12 5.33 0.77
CA GLY A 66 -4.38 4.64 -0.51
C GLY A 66 -5.21 3.39 -0.32
N VAL A 67 -4.81 2.55 0.63
CA VAL A 67 -5.59 1.30 0.86
C VAL A 67 -6.99 1.63 1.41
N ALA A 68 -7.10 2.69 2.17
CA ALA A 68 -8.41 3.11 2.69
C ALA A 68 -9.41 3.40 1.56
N GLN A 69 -8.95 3.77 0.38
N GLN A 69 -8.90 3.76 0.38
CA GLN A 69 -9.83 4.08 -0.77
CA GLN A 69 -9.67 4.11 -0.84
C GLN A 69 -10.24 2.83 -1.55
C GLN A 69 -10.21 2.86 -1.54
N MET A 70 -9.70 1.67 -1.18
CA MET A 70 -9.94 0.43 -1.91
C MET A 70 -11.07 -0.39 -1.26
N SER A 71 -11.74 -1.15 -2.09
CA SER A 71 -12.72 -2.11 -1.57
C SER A 71 -12.24 -3.54 -1.77
N VAL A 72 -12.81 -4.45 -1.00
CA VAL A 72 -12.32 -5.85 -1.01
C VAL A 72 -12.41 -6.39 -2.44
N GLY A 73 -11.33 -7.05 -2.86
CA GLY A 73 -11.20 -7.60 -4.20
C GLY A 73 -10.42 -6.68 -5.12
N GLN A 74 -10.29 -5.41 -4.79
CA GLN A 74 -9.63 -4.46 -5.72
C GLN A 74 -8.13 -4.70 -5.76
N ARG A 75 -7.57 -4.53 -6.94
CA ARG A 75 -6.13 -4.50 -7.18
C ARG A 75 -5.85 -3.12 -7.78
N ALA A 76 -4.87 -2.42 -7.24
CA ALA A 76 -4.57 -1.04 -7.65
C ALA A 76 -3.08 -0.81 -7.64
N LYS A 77 -2.70 0.16 -8.45
CA LYS A 77 -1.37 0.79 -8.43
C LYS A 77 -1.45 2.03 -7.55
N LEU A 78 -0.62 2.05 -6.53
CA LEU A 78 -0.48 3.21 -5.62
C LEU A 78 0.84 3.87 -5.94
N THR A 79 0.81 5.15 -6.29
CA THR A 79 2.03 5.93 -6.51
C THR A 79 2.12 6.95 -5.40
N ILE A 80 3.20 6.90 -4.63
CA ILE A 80 3.32 7.60 -3.33
C ILE A 80 4.53 8.50 -3.34
N SER A 81 4.31 9.78 -3.06
CA SER A 81 5.41 10.76 -2.99
C SER A 81 6.27 10.52 -1.76
N PRO A 82 7.54 10.97 -1.74
N PRO A 82 7.55 10.92 -1.82
CA PRO A 82 8.37 10.62 -0.58
CA PRO A 82 8.51 10.63 -0.74
C PRO A 82 7.84 11.22 0.73
C PRO A 82 7.99 11.03 0.64
N ASP A 83 7.19 12.37 0.71
N ASP A 83 7.30 12.18 0.72
CA ASP A 83 6.59 12.92 1.96
CA ASP A 83 6.81 12.76 2.00
C ASP A 83 5.59 11.95 2.59
C ASP A 83 5.66 11.93 2.59
N TYR A 84 4.98 11.11 1.78
CA TYR A 84 3.96 10.14 2.21
C TYR A 84 4.53 8.73 2.26
N ALA A 85 5.87 8.63 2.11
CA ALA A 85 6.58 7.35 2.15
C ALA A 85 7.72 7.46 3.16
N TYR A 86 8.97 7.26 2.74
CA TYR A 86 10.09 7.23 3.67
C TYR A 86 10.95 8.50 3.63
N GLY A 87 10.54 9.52 2.89
CA GLY A 87 11.14 10.84 3.09
C GLY A 87 12.63 10.87 2.82
N ALA A 88 13.30 11.73 3.57
CA ALA A 88 14.75 11.92 3.39
C ALA A 88 15.54 10.70 3.85
N THR A 89 15.06 10.01 4.89
CA THR A 89 15.81 8.89 5.47
C THR A 89 15.79 7.70 4.50
N GLY A 90 14.69 7.48 3.80
CA GLY A 90 14.53 6.21 3.07
C GLY A 90 14.42 5.06 4.05
N HIS A 91 14.73 3.87 3.56
CA HIS A 91 14.81 2.63 4.34
C HIS A 91 16.18 2.06 4.03
N PRO A 92 17.07 1.88 5.05
N PRO A 92 17.22 2.58 4.70
CA PRO A 92 18.48 1.55 4.83
CA PRO A 92 18.60 2.29 4.33
C PRO A 92 18.73 0.51 3.75
C PRO A 92 18.84 0.87 3.80
N GLY A 93 19.41 0.84 2.61
CA GLY A 93 19.84 -0.27 1.76
C GLY A 93 18.74 -0.79 0.85
N ILE A 94 17.49 -0.37 1.03
CA ILE A 94 16.28 -0.92 0.34
C ILE A 94 15.58 0.20 -0.43
N ILE A 95 15.32 1.33 0.21
CA ILE A 95 14.66 2.48 -0.45
C ILE A 95 15.56 3.68 -0.29
N PRO A 96 15.97 4.36 -1.38
CA PRO A 96 16.86 5.51 -1.28
C PRO A 96 16.16 6.72 -0.67
N PRO A 97 16.92 7.72 -0.24
CA PRO A 97 16.36 9.02 0.15
C PRO A 97 15.48 9.60 -0.96
N HIS A 98 14.37 10.23 -0.58
CA HIS A 98 13.53 11.08 -1.46
C HIS A 98 12.91 10.29 -2.62
N ALA A 99 12.57 9.04 -2.35
CA ALA A 99 12.04 8.09 -3.35
C ALA A 99 10.52 8.18 -3.46
N THR A 100 10.01 8.29 -4.67
CA THR A 100 8.64 8.01 -5.03
C THR A 100 8.51 6.51 -5.17
N LEU A 101 7.46 5.93 -4.54
CA LEU A 101 7.27 4.46 -4.55
C LEU A 101 6.03 4.12 -5.36
N VAL A 102 6.07 2.97 -5.99
CA VAL A 102 4.93 2.42 -6.73
C VAL A 102 4.65 1.03 -6.15
N PHE A 103 3.42 0.86 -5.71
CA PHE A 103 2.98 -0.44 -5.21
C PHE A 103 1.85 -1.00 -6.07
N ASP A 104 1.93 -2.29 -6.33
CA ASP A 104 0.82 -3.10 -6.87
C ASP A 104 0.22 -3.80 -5.67
N VAL A 105 -0.98 -3.37 -5.27
N VAL A 105 -1.00 -3.42 -5.31
CA VAL A 105 -1.64 -3.85 -4.03
CA VAL A 105 -1.62 -3.89 -4.05
C VAL A 105 -2.99 -4.50 -4.37
C VAL A 105 -2.99 -4.48 -4.35
N GLU A 106 -3.26 -5.60 -3.70
CA GLU A 106 -4.59 -6.26 -3.79
C GLU A 106 -5.15 -6.36 -2.37
N LEU A 107 -6.35 -5.80 -2.17
CA LEU A 107 -7.04 -5.86 -0.87
C LEU A 107 -7.84 -7.17 -0.84
N LEU A 108 -7.33 -8.15 -0.12
CA LEU A 108 -7.85 -9.51 -0.17
C LEU A 108 -9.04 -9.69 0.78
N LYS A 109 -9.00 -9.08 1.96
CA LYS A 109 -9.90 -9.44 3.08
C LYS A 109 -9.81 -8.36 4.14
N LEU A 110 -10.90 -8.18 4.88
CA LEU A 110 -10.92 -7.33 6.09
C LEU A 110 -11.23 -8.27 7.26
N GLU A 111 -10.46 -8.16 8.33
CA GLU A 111 -10.61 -8.98 9.56
C GLU A 111 -10.71 -8.07 10.78
#